data_6ONF
#
_entry.id   6ONF
#
_cell.length_a   66.620
_cell.length_b   66.790
_cell.length_c   86.380
_cell.angle_alpha   90.00
_cell.angle_beta   90.00
_cell.angle_gamma   90.00
#
_symmetry.space_group_name_H-M   'P 21 21 21'
#
loop_
_entity.id
_entity.type
_entity.pdbx_description
1 polymer 'clade A/E 93TH057 HIV-1 gp120 core'
2 non-polymer 2-acetamido-2-deoxy-beta-D-glucopyranose
3 non-polymer 'ethyl (3S)-3-[(4-chloro-3-fluorophenyl)carbamoyl]piperidine-1-carboxylate'
4 non-polymer '4-(2-HYDROXYETHYL)-1-PIPERAZINE ETHANESULFONIC ACID'
5 water water
#
_entity_poly.entity_id   1
_entity_poly.type   'polypeptide(L)'
_entity_poly.pdbx_seq_one_letter_code
;VPVWKDADTTLFCASDAKAYETEVHNVWATHACVPTDPNPQEIHLENVTENFNMWKNNMVEQMHEDIISLWDQSLQPCVK
LTGGSVIKQACPKISFDPIPIHYCTPAGYVILKCNDKNFNGTGPCKNVSSVQCTHGIKPVVSTQLLLNGSLAEEEIIIRS
ENLTNNAKTIIVHLNKSVEINCTRPSNGGSGSGGDIRKAYCEINGTKWNKVLKQVTEKLKEHFNNKTIIFQPPSGGDLEI
TMHTFNCRGEFFYCNTTQLFNNTCIGNETMKGCNGTITLPCKIKQIINMWQGTGQAMYAPPIDGKINCVSNITGILLTRD
GGANNTSNETFRPGGGDMRDNWRSELYKYKVVQIE
;
_entity_poly.pdbx_strand_id   A
#
# COMPACT_ATOMS: atom_id res chain seq x y z
N PRO A 2 -10.88 -12.33 29.87
CA PRO A 2 -10.74 -10.89 29.67
C PRO A 2 -12.05 -10.20 29.31
N VAL A 3 -12.11 -8.88 29.43
CA VAL A 3 -13.24 -8.08 28.94
C VAL A 3 -12.69 -6.72 28.51
N TRP A 4 -13.19 -6.22 27.39
CA TRP A 4 -12.61 -5.02 26.78
C TRP A 4 -13.69 -4.13 26.20
N LYS A 5 -13.28 -2.93 25.78
CA LYS A 5 -14.13 -1.96 25.10
C LYS A 5 -13.35 -1.35 23.96
N ASP A 6 -14.06 -0.92 22.91
CA ASP A 6 -13.42 -0.21 21.81
C ASP A 6 -12.82 1.10 22.32
N ALA A 7 -11.62 1.42 21.84
CA ALA A 7 -10.93 2.62 22.31
C ALA A 7 -9.77 2.92 21.37
N ASP A 8 -9.41 4.21 21.34
CA ASP A 8 -8.24 4.70 20.66
C ASP A 8 -7.21 5.14 21.70
N THR A 9 -5.95 4.91 21.41
CA THR A 9 -4.89 5.45 22.27
C THR A 9 -3.63 5.52 21.43
N THR A 10 -2.64 6.25 21.95
CA THR A 10 -1.42 6.41 21.18
C THR A 10 -0.60 5.13 21.24
N LEU A 11 -0.19 4.66 20.06
CA LEU A 11 0.58 3.43 19.88
C LEU A 11 2.07 3.77 19.94
N PHE A 12 2.88 2.77 20.15
CA PHE A 12 4.30 2.92 19.87
C PHE A 12 4.68 1.90 18.79
N CYS A 13 5.87 2.05 18.23
CA CYS A 13 6.34 1.14 17.20
C CYS A 13 7.57 0.35 17.66
N ALA A 14 7.76 -0.78 17.00
CA ALA A 14 8.89 -1.66 17.26
C ALA A 14 9.43 -2.14 15.91
N SER A 15 10.72 -2.44 15.87
CA SER A 15 11.33 -2.84 14.60
C SER A 15 12.64 -3.57 14.85
N ASP A 16 13.12 -4.24 13.81
CA ASP A 16 14.44 -4.86 13.82
C ASP A 16 15.49 -3.95 13.22
N ALA A 17 15.27 -2.64 13.24
CA ALA A 17 16.19 -1.73 12.59
C ALA A 17 17.60 -1.90 13.17
N LYS A 18 18.60 -1.79 12.31
CA LYS A 18 19.99 -1.93 12.71
C LYS A 18 20.55 -0.55 13.00
N ALA A 19 21.17 -0.40 14.18
CA ALA A 19 21.70 0.90 14.56
C ALA A 19 22.90 1.29 13.72
N TYR A 20 23.54 0.33 13.06
CA TYR A 20 24.71 0.60 12.22
C TYR A 20 24.35 0.97 10.78
N GLU A 21 23.08 0.84 10.40
CA GLU A 21 22.68 1.15 9.03
C GLU A 21 22.53 2.64 8.82
N THR A 22 22.87 3.10 7.60
CA THR A 22 22.52 4.44 7.16
C THR A 22 21.24 4.47 6.34
N GLU A 23 20.69 3.31 5.99
CA GLU A 23 19.40 3.27 5.32
C GLU A 23 18.37 4.01 6.17
N VAL A 24 17.49 4.79 5.52
CA VAL A 24 16.74 5.83 6.21
C VAL A 24 15.63 5.26 7.10
N HIS A 25 14.99 4.15 6.68
CA HIS A 25 13.97 3.54 7.53
C HIS A 25 14.61 2.99 8.80
N ASN A 26 15.82 2.41 8.67
CA ASN A 26 16.56 1.92 9.83
C ASN A 26 16.93 3.05 10.79
N VAL A 27 17.42 4.17 10.24
CA VAL A 27 17.77 5.33 11.08
C VAL A 27 16.54 5.85 11.80
N TRP A 28 15.42 5.98 11.07
CA TRP A 28 14.21 6.50 11.68
C TRP A 28 13.73 5.57 12.79
N ALA A 29 13.65 4.27 12.49
CA ALA A 29 13.11 3.31 13.44
C ALA A 29 14.07 3.10 14.62
N THR A 30 15.37 3.33 14.41
CA THR A 30 16.32 3.23 15.52
C THR A 30 16.04 4.27 16.60
N HIS A 31 15.61 5.47 16.22
CA HIS A 31 15.37 6.51 17.22
C HIS A 31 13.91 6.71 17.55
N ALA A 32 12.97 6.20 16.75
CA ALA A 32 11.56 6.45 17.01
C ALA A 32 10.77 5.20 17.41
N CYS A 33 11.37 4.01 17.34
CA CYS A 33 10.76 2.74 17.73
C CYS A 33 11.65 2.00 18.71
N VAL A 34 11.05 1.08 19.46
CA VAL A 34 11.80 0.19 20.36
C VAL A 34 12.13 -1.08 19.60
N PRO A 35 13.00 -1.96 20.11
CA PRO A 35 13.23 -3.23 19.41
C PRO A 35 11.99 -4.11 19.40
N THR A 36 11.87 -4.96 18.39
CA THR A 36 10.71 -5.83 18.31
C THR A 36 10.61 -6.71 19.54
N ASP A 37 9.39 -7.01 19.92
CA ASP A 37 9.05 -7.96 20.97
C ASP A 37 9.89 -9.22 20.81
N PRO A 38 10.79 -9.54 21.76
CA PRO A 38 11.60 -10.76 21.62
C PRO A 38 10.84 -12.04 21.91
N ASN A 39 9.64 -11.97 22.47
CA ASN A 39 8.82 -13.15 22.77
C ASN A 39 7.36 -12.81 22.52
N PRO A 40 6.98 -12.66 21.25
CA PRO A 40 5.58 -12.37 20.94
C PRO A 40 4.68 -13.53 21.34
N GLN A 41 3.54 -13.21 21.95
CA GLN A 41 2.54 -14.21 22.30
C GLN A 41 1.19 -13.79 21.73
N GLU A 42 0.61 -14.66 20.92
CA GLU A 42 -0.72 -14.47 20.36
C GLU A 42 -1.70 -15.38 21.09
N ILE A 43 -2.76 -14.79 21.64
CA ILE A 43 -3.68 -15.50 22.54
C ILE A 43 -5.02 -15.63 21.83
N HIS A 44 -5.40 -16.87 21.50
CA HIS A 44 -6.72 -17.09 20.94
C HIS A 44 -7.79 -16.78 21.98
N LEU A 45 -8.90 -16.20 21.53
CA LEU A 45 -10.01 -15.79 22.39
C LEU A 45 -11.17 -16.77 22.20
N GLU A 46 -11.39 -17.64 23.19
CA GLU A 46 -12.37 -18.70 23.08
C GLU A 46 -13.78 -18.15 22.86
N ASN A 47 -14.46 -18.66 21.83
CA ASN A 47 -15.90 -18.42 21.63
C ASN A 47 -16.21 -16.93 21.54
N VAL A 48 -15.28 -16.16 20.97
CA VAL A 48 -15.39 -14.71 20.92
C VAL A 48 -15.68 -14.31 19.48
N THR A 49 -16.78 -13.60 19.29
CA THR A 49 -17.07 -12.91 18.04
C THR A 49 -16.91 -11.42 18.30
N GLU A 50 -16.17 -10.75 17.42
CA GLU A 50 -15.82 -9.34 17.61
C GLU A 50 -15.99 -8.61 16.29
N ASN A 51 -16.64 -7.45 16.31
CA ASN A 51 -16.88 -6.70 15.10
C ASN A 51 -15.73 -5.75 14.80
N PHE A 52 -15.31 -5.74 13.54
CA PHE A 52 -14.21 -4.93 13.04
C PHE A 52 -14.73 -3.96 11.97
N ASN A 53 -13.96 -2.90 11.74
CA ASN A 53 -14.26 -1.96 10.66
C ASN A 53 -12.94 -1.31 10.23
N MET A 54 -12.33 -1.87 9.19
CA MET A 54 -11.03 -1.39 8.71
C MET A 54 -11.09 0.04 8.18
N TRP A 55 -12.28 0.54 7.89
CA TRP A 55 -12.43 1.88 7.32
C TRP A 55 -12.58 2.95 8.39
N LYS A 56 -12.71 2.57 9.65
CA LYS A 56 -12.74 3.50 10.78
C LYS A 56 -11.82 2.87 11.83
N ASN A 57 -10.52 3.01 11.62
CA ASN A 57 -9.53 2.33 12.46
C ASN A 57 -8.40 3.32 12.68
N ASN A 58 -8.33 3.89 13.88
CA ASN A 58 -7.37 4.96 14.14
C ASN A 58 -5.92 4.48 14.05
N MET A 59 -5.67 3.17 14.05
CA MET A 59 -4.32 2.68 13.79
C MET A 59 -3.82 3.16 12.44
N VAL A 60 -4.72 3.32 11.48
CA VAL A 60 -4.34 3.74 10.14
C VAL A 60 -3.84 5.18 10.17
N GLU A 61 -4.59 6.07 10.82
CA GLU A 61 -4.18 7.45 10.93
C GLU A 61 -2.84 7.56 11.66
N GLN A 62 -2.61 6.70 12.65
CA GLN A 62 -1.37 6.75 13.42
C GLN A 62 -0.17 6.30 12.58
N MET A 63 -0.30 5.17 11.86
CA MET A 63 0.77 4.77 10.96
C MET A 63 1.02 5.86 9.92
N HIS A 64 -0.05 6.45 9.39
CA HIS A 64 0.10 7.51 8.40
C HIS A 64 0.96 8.64 8.94
N GLU A 65 0.68 9.09 10.18
CA GLU A 65 1.50 10.14 10.79
C GLU A 65 2.98 9.73 10.89
N ASP A 66 3.24 8.47 11.25
CA ASP A 66 4.61 7.96 11.33
C ASP A 66 5.32 8.05 9.99
N ILE A 67 4.66 7.58 8.93
CA ILE A 67 5.33 7.54 7.65
C ILE A 67 5.57 8.95 7.12
N ILE A 68 4.63 9.88 7.36
CA ILE A 68 4.87 11.27 7.01
C ILE A 68 6.14 11.77 7.72
N SER A 69 6.26 11.47 9.02
CA SER A 69 7.44 11.87 9.78
C SER A 69 8.71 11.21 9.24
N LEU A 70 8.63 9.92 8.87
CA LEU A 70 9.80 9.24 8.33
C LEU A 70 10.28 9.90 7.03
N TRP A 71 9.35 10.15 6.10
CA TRP A 71 9.74 10.75 4.83
C TRP A 71 10.21 12.19 5.02
N ASP A 72 9.56 12.94 5.90
CA ASP A 72 10.00 14.31 6.14
C ASP A 72 11.41 14.35 6.71
N GLN A 73 11.76 13.39 7.58
CA GLN A 73 13.10 13.38 8.16
C GLN A 73 14.15 12.83 7.20
N SER A 74 13.74 12.01 6.25
CA SER A 74 14.70 11.20 5.50
C SER A 74 14.94 11.67 4.08
N LEU A 75 13.92 12.16 3.41
CA LEU A 75 14.09 12.58 2.02
C LEU A 75 14.64 14.00 1.97
N GLN A 76 15.64 14.19 1.13
CA GLN A 76 16.42 15.42 1.09
C GLN A 76 16.26 16.06 -0.29
N PRO A 77 15.23 16.87 -0.48
CA PRO A 77 15.04 17.54 -1.76
C PRO A 77 16.03 18.68 -1.97
N CYS A 78 16.35 18.92 -3.24
CA CYS A 78 17.16 20.07 -3.57
C CYS A 78 16.40 21.36 -3.33
N VAL A 79 15.08 21.30 -3.41
CA VAL A 79 14.17 22.44 -3.35
C VAL A 79 12.78 21.95 -2.93
N LYS A 80 12.30 22.38 -1.76
CA LYS A 80 10.92 22.12 -1.33
C LYS A 80 10.05 23.32 -1.66
N LEU A 81 8.89 23.05 -2.24
CA LEU A 81 7.92 24.08 -2.58
C LEU A 81 6.61 23.75 -1.89
N THR A 82 6.30 24.47 -0.81
CA THR A 82 5.13 24.21 0.02
C THR A 82 4.44 25.53 0.35
N GLY A 83 3.13 25.60 0.08
CA GLY A 83 2.28 26.69 0.56
C GLY A 83 2.61 28.10 0.12
N GLY A 84 3.40 28.29 -0.94
CA GLY A 84 3.82 29.63 -1.30
C GLY A 84 5.10 29.98 -0.59
N SER A 85 5.93 28.96 -0.43
CA SER A 85 7.22 29.00 0.24
C SER A 85 8.22 28.30 -0.66
N VAL A 86 9.50 28.57 -0.44
CA VAL A 86 10.56 27.80 -1.05
C VAL A 86 11.61 27.53 0.03
N ILE A 87 12.14 26.32 0.04
CA ILE A 87 13.18 25.92 0.97
C ILE A 87 14.26 25.24 0.14
N LYS A 88 15.44 25.84 0.08
N LYS A 88 15.44 25.84 0.10
CA LYS A 88 16.57 25.21 -0.59
CA LYS A 88 16.62 25.27 -0.55
C LYS A 88 17.44 24.51 0.45
C LYS A 88 17.46 24.52 0.48
N GLN A 89 18.13 23.47 0.02
CA GLN A 89 19.05 22.70 0.86
C GLN A 89 19.86 21.76 -0.01
N ALA A 90 20.74 21.00 0.62
CA ALA A 90 21.52 19.98 -0.07
C ALA A 90 20.68 18.72 -0.24
N CYS A 91 20.85 18.05 -1.38
CA CYS A 91 20.04 16.88 -1.71
C CYS A 91 20.92 15.69 -2.08
N PRO A 92 21.67 15.14 -1.11
CA PRO A 92 22.48 13.97 -1.42
C PRO A 92 21.60 12.75 -1.67
N LYS A 93 22.15 11.81 -2.43
CA LYS A 93 21.48 10.54 -2.62
C LYS A 93 21.49 9.77 -1.31
N ILE A 94 20.41 9.07 -1.01
CA ILE A 94 20.26 8.36 0.27
C ILE A 94 20.17 6.87 0.00
N SER A 95 20.22 6.10 1.08
CA SER A 95 19.94 4.67 1.06
C SER A 95 18.51 4.45 1.53
N PHE A 96 17.69 3.84 0.67
CA PHE A 96 16.24 3.76 0.88
C PHE A 96 15.76 2.35 0.55
N ASP A 97 15.19 1.66 1.55
CA ASP A 97 14.61 0.34 1.37
C ASP A 97 13.72 0.05 2.58
N PRO A 98 12.39 0.05 2.43
CA PRO A 98 11.52 -0.05 3.60
C PRO A 98 11.76 -1.31 4.43
N ILE A 99 11.64 -1.17 5.75
CA ILE A 99 11.75 -2.31 6.67
C ILE A 99 10.40 -2.49 7.34
N PRO A 100 10.11 -3.67 7.86
CA PRO A 100 8.82 -3.88 8.54
C PRO A 100 8.74 -3.10 9.85
N ILE A 101 7.57 -2.52 10.11
CA ILE A 101 7.31 -1.78 11.36
C ILE A 101 6.17 -2.46 12.09
N HIS A 102 6.36 -2.78 13.38
CA HIS A 102 5.31 -3.31 14.23
C HIS A 102 4.64 -2.18 14.99
N TYR A 103 3.33 -2.28 15.17
CA TYR A 103 2.58 -1.31 15.96
C TYR A 103 2.04 -1.97 17.24
N CYS A 104 2.23 -1.29 18.37
CA CYS A 104 2.07 -1.89 19.70
C CYS A 104 1.27 -0.99 20.63
N THR A 105 0.51 -1.64 21.56
CA THR A 105 -0.33 -0.91 22.50
C THR A 105 0.40 -0.66 23.81
N PRO A 106 0.16 0.48 24.43
CA PRO A 106 0.71 0.74 25.76
C PRO A 106 -0.05 -0.09 26.79
N ALA A 107 0.32 0.10 28.06
CA ALA A 107 -0.33 -0.64 29.12
C ALA A 107 -1.81 -0.31 29.21
N GLY A 108 -2.62 -1.32 29.52
CA GLY A 108 -4.05 -1.15 29.66
C GLY A 108 -4.84 -1.34 28.39
N TYR A 109 -4.17 -1.57 27.28
CA TYR A 109 -4.79 -1.76 25.98
C TYR A 109 -4.22 -3.01 25.34
N VAL A 110 -4.96 -3.55 24.38
CA VAL A 110 -4.49 -4.71 23.64
C VAL A 110 -4.98 -4.57 22.20
N ILE A 111 -4.36 -5.32 21.30
CA ILE A 111 -4.77 -5.35 19.90
C ILE A 111 -5.52 -6.66 19.66
N LEU A 112 -6.74 -6.56 19.16
CA LEU A 112 -7.49 -7.72 18.71
C LEU A 112 -7.17 -7.97 17.25
N LYS A 113 -7.09 -9.24 16.87
CA LYS A 113 -6.69 -9.65 15.52
C LYS A 113 -7.74 -10.59 14.96
N CYS A 114 -8.28 -10.26 13.79
CA CYS A 114 -9.25 -11.11 13.13
C CYS A 114 -8.55 -12.17 12.29
N ASN A 115 -8.83 -13.44 12.57
CA ASN A 115 -8.21 -14.54 11.82
C ASN A 115 -9.16 -15.25 10.87
N ASP A 116 -10.34 -14.70 10.57
CA ASP A 116 -11.18 -15.32 9.55
C ASP A 116 -10.54 -15.11 8.17
N LYS A 117 -10.23 -16.20 7.47
CA LYS A 117 -9.43 -16.10 6.27
C LYS A 117 -10.12 -15.31 5.16
N ASN A 118 -11.45 -15.25 5.16
CA ASN A 118 -12.15 -14.52 4.11
C ASN A 118 -12.78 -13.21 4.61
N PHE A 119 -12.36 -12.75 5.79
CA PHE A 119 -12.82 -11.48 6.36
C PHE A 119 -12.56 -10.32 5.41
N ASN A 120 -13.60 -9.55 5.10
CA ASN A 120 -13.48 -8.52 4.09
C ASN A 120 -13.10 -7.16 4.68
N GLY A 121 -12.98 -7.05 6.00
CA GLY A 121 -12.57 -5.82 6.65
C GLY A 121 -13.64 -5.17 7.48
N THR A 122 -14.92 -5.48 7.26
CA THR A 122 -16.00 -4.97 8.11
C THR A 122 -16.93 -6.09 8.52
N GLY A 123 -17.42 -6.00 9.75
CA GLY A 123 -18.38 -6.95 10.26
C GLY A 123 -17.82 -7.87 11.33
N PRO A 124 -18.59 -8.90 11.68
CA PRO A 124 -18.18 -9.79 12.77
C PRO A 124 -17.06 -10.72 12.34
N CYS A 125 -16.14 -10.97 13.28
CA CYS A 125 -15.06 -11.91 13.10
C CYS A 125 -15.20 -13.01 14.12
N LYS A 126 -15.14 -14.27 13.69
CA LYS A 126 -15.43 -15.39 14.58
C LYS A 126 -14.18 -16.04 15.18
N ASN A 127 -13.02 -15.87 14.55
CA ASN A 127 -11.75 -16.44 15.01
C ASN A 127 -10.87 -15.26 15.43
N VAL A 128 -10.98 -14.84 16.68
CA VAL A 128 -10.33 -13.63 17.18
C VAL A 128 -9.21 -14.03 18.12
N SER A 129 -8.04 -13.41 17.93
CA SER A 129 -6.88 -13.52 18.82
C SER A 129 -6.51 -12.16 19.38
N SER A 130 -5.70 -12.16 20.44
CA SER A 130 -5.18 -10.91 20.98
C SER A 130 -3.66 -10.91 20.83
N VAL A 131 -3.09 -9.73 20.53
CA VAL A 131 -1.65 -9.57 20.35
C VAL A 131 -1.23 -8.27 21.02
N GLN A 132 0.06 -8.19 21.37
CA GLN A 132 0.57 -6.96 21.94
C GLN A 132 1.06 -6.01 20.85
N CYS A 133 1.52 -6.56 19.74
CA CYS A 133 1.95 -5.79 18.60
C CYS A 133 1.38 -6.42 17.34
N THR A 134 1.17 -5.60 16.32
CA THR A 134 0.91 -6.15 15.00
C THR A 134 2.14 -6.89 14.49
N HIS A 135 1.95 -7.68 13.45
CA HIS A 135 3.09 -8.16 12.68
C HIS A 135 3.80 -6.98 12.02
N GLY A 136 4.94 -7.25 11.40
CA GLY A 136 5.75 -6.16 10.88
C GLY A 136 5.28 -5.75 9.50
N ILE A 137 4.85 -4.50 9.33
CA ILE A 137 4.27 -4.01 8.07
C ILE A 137 5.29 -3.09 7.40
N LYS A 138 5.67 -3.41 6.17
CA LYS A 138 6.53 -2.50 5.41
C LYS A 138 5.71 -1.30 4.96
N PRO A 139 6.17 -0.09 5.22
CA PRO A 139 5.39 1.09 4.81
C PRO A 139 5.67 1.50 3.37
N VAL A 140 5.16 0.71 2.42
CA VAL A 140 5.50 0.91 1.01
C VAL A 140 4.56 1.94 0.39
N VAL A 141 5.12 3.07 -0.04
CA VAL A 141 4.35 4.12 -0.70
C VAL A 141 4.24 3.78 -2.18
N SER A 142 3.01 3.83 -2.70
CA SER A 142 2.76 3.55 -4.12
C SER A 142 1.34 3.96 -4.48
N THR A 143 1.11 4.08 -5.79
CA THR A 143 -0.21 4.20 -6.38
C THR A 143 -0.48 3.00 -7.28
N GLN A 144 -1.77 2.74 -7.51
CA GLN A 144 -2.28 1.72 -8.43
C GLN A 144 -2.06 0.28 -7.96
N LEU A 145 -0.82 -0.10 -7.70
CA LEU A 145 -0.47 -1.44 -7.26
C LEU A 145 0.09 -1.39 -5.84
N LEU A 146 -0.42 -2.25 -4.98
CA LEU A 146 0.11 -2.44 -3.63
C LEU A 146 1.25 -3.46 -3.70
N LEU A 147 2.39 -3.09 -3.13
CA LEU A 147 3.65 -3.78 -3.35
C LEU A 147 4.19 -4.34 -2.04
N ASN A 148 4.73 -5.57 -2.12
CA ASN A 148 5.52 -6.14 -1.03
C ASN A 148 4.72 -6.33 0.25
N GLY A 149 3.40 -6.49 0.12
CA GLY A 149 2.53 -6.65 1.26
C GLY A 149 2.25 -8.10 1.57
N SER A 150 1.22 -8.33 2.36
CA SER A 150 0.70 -9.65 2.67
C SER A 150 -0.34 -10.05 1.64
N LEU A 151 -0.55 -11.36 1.52
CA LEU A 151 -1.55 -11.92 0.62
C LEU A 151 -2.75 -12.42 1.41
N ALA A 152 -3.93 -12.36 0.79
CA ALA A 152 -5.11 -12.99 1.37
C ALA A 152 -4.90 -14.50 1.37
N GLU A 153 -5.30 -15.16 2.46
CA GLU A 153 -4.94 -16.56 2.66
C GLU A 153 -5.76 -17.53 1.82
N GLU A 154 -7.03 -17.20 1.50
CA GLU A 154 -7.90 -18.12 0.77
C GLU A 154 -8.24 -17.51 -0.58
N GLU A 155 -9.43 -16.92 -0.73
CA GLU A 155 -9.86 -16.32 -1.98
C GLU A 155 -9.38 -14.89 -2.09
N ILE A 156 -9.35 -14.37 -3.32
CA ILE A 156 -9.18 -12.94 -3.53
C ILE A 156 -10.30 -12.21 -2.80
N ILE A 157 -9.95 -11.13 -2.13
CA ILE A 157 -10.87 -10.37 -1.29
C ILE A 157 -11.08 -8.98 -1.89
N ILE A 158 -12.32 -8.56 -1.98
CA ILE A 158 -12.66 -7.19 -2.33
C ILE A 158 -12.99 -6.43 -1.06
N ARG A 159 -12.28 -5.33 -0.81
CA ARG A 159 -12.51 -4.50 0.37
C ARG A 159 -12.98 -3.13 -0.08
N SER A 160 -14.06 -2.63 0.53
CA SER A 160 -14.49 -1.27 0.25
C SER A 160 -15.37 -0.81 1.41
N GLU A 161 -15.30 0.49 1.72
CA GLU A 161 -16.21 1.04 2.72
C GLU A 161 -17.67 0.90 2.27
N ASN A 162 -17.91 0.96 0.96
CA ASN A 162 -19.26 0.89 0.42
C ASN A 162 -19.13 0.72 -1.09
N LEU A 163 -19.28 -0.52 -1.56
CA LEU A 163 -19.15 -0.82 -2.98
C LEU A 163 -20.16 -0.04 -3.81
N THR A 164 -21.32 0.28 -3.22
CA THR A 164 -22.35 0.98 -3.99
C THR A 164 -21.93 2.41 -4.29
N ASN A 165 -21.09 3.01 -3.44
CA ASN A 165 -20.62 4.37 -3.64
C ASN A 165 -19.36 4.34 -4.48
N ASN A 166 -19.46 4.82 -5.73
CA ASN A 166 -18.33 4.74 -6.64
C ASN A 166 -17.19 5.67 -6.23
N ALA A 167 -17.43 6.63 -5.33
CA ALA A 167 -16.31 7.45 -4.86
C ALA A 167 -15.41 6.72 -3.86
N LYS A 168 -15.82 5.56 -3.36
CA LYS A 168 -15.04 4.85 -2.34
C LYS A 168 -14.02 3.93 -3.01
N THR A 169 -12.76 4.06 -2.60
CA THR A 169 -11.70 3.25 -3.19
C THR A 169 -11.95 1.77 -2.91
N ILE A 170 -11.65 0.92 -3.88
CA ILE A 170 -11.72 -0.52 -3.71
C ILE A 170 -10.29 -1.03 -3.53
N ILE A 171 -10.08 -1.85 -2.50
CA ILE A 171 -8.81 -2.53 -2.29
C ILE A 171 -9.00 -3.98 -2.66
N VAL A 172 -8.31 -4.43 -3.69
CA VAL A 172 -8.27 -5.84 -4.05
C VAL A 172 -7.12 -6.47 -3.27
N HIS A 173 -7.40 -7.54 -2.51
CA HIS A 173 -6.37 -8.30 -1.81
C HIS A 173 -6.11 -9.59 -2.60
N LEU A 174 -4.94 -9.68 -3.23
CA LEU A 174 -4.58 -10.86 -4.03
C LEU A 174 -4.24 -12.04 -3.14
N ASN A 175 -4.44 -13.25 -3.66
CA ASN A 175 -4.02 -14.45 -2.93
C ASN A 175 -2.76 -15.06 -3.52
N LYS A 176 -2.26 -14.50 -4.61
CA LYS A 176 -1.06 -14.99 -5.28
C LYS A 176 -0.31 -13.77 -5.77
N SER A 177 0.92 -13.58 -5.30
CA SER A 177 1.69 -12.41 -5.71
C SER A 177 2.11 -12.54 -7.17
N VAL A 178 2.35 -11.39 -7.79
CA VAL A 178 2.87 -11.32 -9.15
C VAL A 178 4.05 -10.37 -9.12
N GLU A 179 5.24 -10.88 -9.44
CA GLU A 179 6.45 -10.07 -9.41
C GLU A 179 6.35 -8.94 -10.42
N ILE A 180 6.88 -7.79 -10.06
CA ILE A 180 7.09 -6.69 -10.99
C ILE A 180 8.55 -6.27 -10.86
N ASN A 181 9.31 -6.41 -11.93
CA ASN A 181 10.77 -6.28 -11.93
C ASN A 181 11.14 -5.01 -12.69
N CYS A 182 11.59 -3.99 -11.96
CA CYS A 182 11.75 -2.65 -12.50
C CYS A 182 13.24 -2.27 -12.54
N THR A 183 13.69 -1.82 -13.72
CA THR A 183 15.11 -1.54 -13.95
C THR A 183 15.29 -0.24 -14.72
N ARG A 184 16.20 0.61 -14.24
CA ARG A 184 16.85 1.64 -15.05
C ARG A 184 18.22 1.08 -15.41
N PRO A 185 18.47 0.64 -16.65
CA PRO A 185 19.77 0.03 -16.97
C PRO A 185 20.91 1.04 -16.89
N SER A 186 22.12 0.48 -16.76
CA SER A 186 23.34 1.30 -16.80
C SER A 186 23.54 1.90 -18.18
N ASP A 195 19.34 8.33 -22.22
CA ASP A 195 18.34 8.93 -21.35
C ASP A 195 18.39 8.27 -19.98
N ILE A 196 19.07 8.93 -19.04
CA ILE A 196 19.25 8.33 -17.72
C ILE A 196 17.97 8.15 -16.96
N ARG A 197 16.86 8.75 -17.41
CA ARG A 197 15.59 8.59 -16.72
C ARG A 197 14.72 7.49 -17.30
N LYS A 198 15.04 6.96 -18.49
CA LYS A 198 14.25 5.89 -19.07
C LYS A 198 14.40 4.59 -18.26
N ALA A 199 13.27 3.93 -17.99
CA ALA A 199 13.29 2.69 -17.24
C ALA A 199 12.10 1.84 -17.67
N TYR A 200 12.02 0.64 -17.12
CA TYR A 200 10.92 -0.24 -17.51
C TYR A 200 10.66 -1.23 -16.39
N CYS A 201 9.46 -1.78 -16.36
CA CYS A 201 9.12 -2.86 -15.45
C CYS A 201 8.66 -4.06 -16.27
N GLU A 202 9.10 -5.24 -15.86
CA GLU A 202 8.79 -6.49 -16.54
C GLU A 202 7.87 -7.32 -15.65
N ILE A 203 6.77 -7.78 -16.22
CA ILE A 203 5.79 -8.61 -15.53
C ILE A 203 5.55 -9.85 -16.39
N ASN A 204 5.40 -10.99 -15.74
CA ASN A 204 4.96 -12.21 -16.43
C ASN A 204 3.51 -12.08 -16.82
N GLY A 205 3.26 -11.90 -18.12
CA GLY A 205 1.90 -11.69 -18.60
C GLY A 205 0.99 -12.87 -18.35
N THR A 206 1.55 -14.08 -18.41
CA THR A 206 0.75 -15.27 -18.14
C THR A 206 0.15 -15.23 -16.73
N LYS A 207 1.00 -15.01 -15.72
CA LYS A 207 0.51 -14.97 -14.34
C LYS A 207 -0.40 -13.77 -14.14
N TRP A 208 0.00 -12.60 -14.67
CA TRP A 208 -0.80 -11.40 -14.45
C TRP A 208 -2.20 -11.57 -15.02
N ASN A 209 -2.30 -12.05 -16.25
CA ASN A 209 -3.61 -12.15 -16.88
C ASN A 209 -4.48 -13.15 -16.16
N LYS A 210 -3.87 -14.24 -15.69
CA LYS A 210 -4.61 -15.23 -14.91
C LYS A 210 -5.16 -14.61 -13.64
N VAL A 211 -4.33 -13.87 -12.91
CA VAL A 211 -4.77 -13.22 -11.67
C VAL A 211 -5.87 -12.18 -11.96
N LEU A 212 -5.64 -11.34 -12.97
CA LEU A 212 -6.62 -10.32 -13.32
C LEU A 212 -7.95 -10.94 -13.75
N LYS A 213 -7.90 -12.07 -14.46
CA LYS A 213 -9.12 -12.81 -14.77
C LYS A 213 -9.85 -13.23 -13.50
N GLN A 214 -9.13 -13.76 -12.51
CA GLN A 214 -9.79 -14.11 -11.25
C GLN A 214 -10.34 -12.88 -10.55
N VAL A 215 -9.63 -11.75 -10.66
CA VAL A 215 -10.13 -10.52 -10.05
C VAL A 215 -11.45 -10.11 -10.67
N THR A 216 -11.54 -10.19 -12.00
CA THR A 216 -12.79 -9.83 -12.69
C THR A 216 -13.94 -10.72 -12.25
N GLU A 217 -13.68 -12.03 -12.08
CA GLU A 217 -14.75 -12.93 -11.66
C GLU A 217 -15.20 -12.60 -10.25
N LYS A 218 -14.26 -12.23 -9.37
CA LYS A 218 -14.63 -11.84 -8.02
C LYS A 218 -15.46 -10.55 -8.01
N LEU A 219 -15.04 -9.54 -8.78
CA LEU A 219 -15.85 -8.33 -8.92
C LEU A 219 -17.23 -8.68 -9.49
N LYS A 220 -17.30 -9.64 -10.41
CA LYS A 220 -18.59 -10.08 -10.93
C LYS A 220 -19.49 -10.62 -9.84
N GLU A 221 -18.91 -11.32 -8.85
CA GLU A 221 -19.69 -11.81 -7.73
C GLU A 221 -20.33 -10.66 -6.96
N HIS A 222 -19.64 -9.53 -6.85
CA HIS A 222 -20.10 -8.39 -6.06
C HIS A 222 -21.02 -7.45 -6.84
N PHE A 223 -21.03 -7.51 -8.17
CA PHE A 223 -21.77 -6.53 -8.95
C PHE A 223 -22.84 -7.19 -9.82
N ASN A 224 -23.54 -8.17 -9.22
CA ASN A 224 -24.72 -8.76 -9.85
C ASN A 224 -24.43 -9.25 -11.26
N ASN A 225 -23.26 -9.86 -11.44
CA ASN A 225 -22.86 -10.56 -12.67
C ASN A 225 -22.63 -9.64 -13.87
N LYS A 226 -22.55 -8.33 -13.68
CA LYS A 226 -22.35 -7.42 -14.80
C LYS A 226 -21.00 -7.67 -15.46
N THR A 227 -20.81 -7.10 -16.65
CA THR A 227 -19.52 -7.25 -17.33
C THR A 227 -18.51 -6.28 -16.71
N ILE A 228 -17.35 -6.80 -16.38
CA ILE A 228 -16.31 -6.04 -15.69
C ILE A 228 -15.31 -5.56 -16.72
N ILE A 229 -15.09 -4.26 -16.77
CA ILE A 229 -14.20 -3.67 -17.76
C ILE A 229 -13.12 -2.90 -17.03
N PHE A 230 -11.87 -3.03 -17.48
CA PHE A 230 -10.78 -2.24 -16.96
C PHE A 230 -10.40 -1.16 -17.97
N GLN A 231 -10.13 0.04 -17.47
CA GLN A 231 -9.70 1.14 -18.30
C GLN A 231 -8.60 1.90 -17.58
N PRO A 232 -7.75 2.62 -18.31
CA PRO A 232 -6.70 3.43 -17.66
C PRO A 232 -7.31 4.61 -16.93
N PRO A 233 -6.59 5.18 -15.97
CA PRO A 233 -7.12 6.34 -15.23
C PRO A 233 -7.49 7.46 -16.20
N SER A 234 -8.48 8.26 -15.80
CA SER A 234 -9.04 9.33 -16.62
C SER A 234 -8.66 10.67 -16.01
N GLY A 235 -7.45 11.14 -16.32
CA GLY A 235 -6.98 12.42 -15.86
C GLY A 235 -6.51 12.38 -14.41
N GLY A 236 -5.85 13.46 -14.02
CA GLY A 236 -5.20 13.56 -12.73
C GLY A 236 -3.72 13.87 -12.88
N ASP A 237 -3.05 13.94 -11.74
CA ASP A 237 -1.61 14.12 -11.75
C ASP A 237 -0.91 12.82 -12.16
N LEU A 238 0.33 12.94 -12.62
CA LEU A 238 1.07 11.77 -13.10
C LEU A 238 1.19 10.72 -12.02
N GLU A 239 1.24 11.13 -10.75
CA GLU A 239 1.42 10.17 -9.66
C GLU A 239 0.26 9.19 -9.59
N ILE A 240 -0.93 9.62 -10.01
CA ILE A 240 -2.12 8.78 -9.98
C ILE A 240 -2.37 8.08 -11.31
N THR A 241 -2.08 8.74 -12.43
CA THR A 241 -2.34 8.07 -13.71
C THR A 241 -1.24 7.06 -14.05
N MET A 242 -0.08 7.18 -13.43
CA MET A 242 0.99 6.18 -13.51
C MET A 242 1.06 5.40 -12.20
N HIS A 243 1.48 4.13 -12.28
CA HIS A 243 1.92 3.39 -11.09
C HIS A 243 3.20 4.05 -10.59
N THR A 244 3.13 4.66 -9.43
CA THR A 244 4.25 5.44 -8.93
C THR A 244 4.72 4.82 -7.63
N PHE A 245 6.04 4.77 -7.46
CA PHE A 245 6.66 4.09 -6.33
C PHE A 245 8.10 4.54 -6.24
N ASN A 246 8.73 4.25 -5.12
CA ASN A 246 10.11 4.64 -4.88
C ASN A 246 10.99 3.41 -4.87
N CYS A 247 12.01 3.43 -5.71
CA CYS A 247 12.95 2.33 -5.85
C CYS A 247 14.34 2.86 -5.56
N ARG A 248 14.92 2.46 -4.41
CA ARG A 248 16.28 2.84 -4.03
C ARG A 248 16.45 4.35 -3.97
N GLY A 249 15.39 5.06 -3.56
CA GLY A 249 15.42 6.50 -3.45
C GLY A 249 14.95 7.24 -4.68
N GLU A 250 14.78 6.54 -5.80
CA GLU A 250 14.38 7.15 -7.07
C GLU A 250 12.88 7.01 -7.27
N PHE A 251 12.23 8.06 -7.78
CA PHE A 251 10.78 8.03 -7.98
C PHE A 251 10.48 7.51 -9.38
N PHE A 252 9.95 6.29 -9.46
CA PHE A 252 9.54 5.68 -10.72
C PHE A 252 8.08 5.99 -11.04
N TYR A 253 7.80 6.27 -12.32
CA TYR A 253 6.46 6.51 -12.84
C TYR A 253 6.25 5.57 -14.02
N CYS A 254 5.38 4.58 -13.87
CA CYS A 254 5.26 3.52 -14.85
C CYS A 254 3.87 3.47 -15.46
N ASN A 255 3.83 3.35 -16.78
CA ASN A 255 2.57 3.31 -17.52
C ASN A 255 1.99 1.91 -17.48
N THR A 256 0.77 1.78 -16.93
CA THR A 256 0.15 0.48 -16.72
C THR A 256 -0.93 0.17 -17.75
N THR A 257 -1.04 0.92 -18.87
CA THR A 257 -2.14 0.64 -19.80
C THR A 257 -2.11 -0.82 -20.23
N GLN A 258 -0.91 -1.36 -20.44
CA GLN A 258 -0.79 -2.77 -20.79
C GLN A 258 -1.31 -3.73 -19.72
N LEU A 259 -1.36 -3.32 -18.45
CA LEU A 259 -1.88 -4.24 -17.44
C LEU A 259 -3.39 -4.23 -17.38
N PHE A 260 -4.01 -3.12 -17.72
CA PHE A 260 -5.46 -3.07 -17.63
C PHE A 260 -5.97 -3.11 -19.06
N ASN A 261 -5.93 -4.33 -19.62
CA ASN A 261 -6.17 -4.67 -21.02
C ASN A 261 -7.23 -5.75 -21.02
N ASN A 262 -8.41 -5.42 -21.52
CA ASN A 262 -9.52 -6.36 -21.43
C ASN A 262 -9.49 -7.45 -22.48
N THR A 263 -8.65 -7.31 -23.51
CA THR A 263 -8.66 -8.32 -24.58
C THR A 263 -7.86 -9.56 -24.19
N CYS A 264 -6.76 -9.39 -23.46
CA CYS A 264 -6.00 -10.55 -23.01
C CYS A 264 -6.66 -11.23 -21.83
N ILE A 265 -7.65 -10.59 -21.22
CA ILE A 265 -8.44 -11.14 -20.13
C ILE A 265 -9.32 -12.27 -20.63
N GLY A 272 -1.84 -13.43 -28.95
CA GLY A 272 -0.43 -13.72 -28.80
C GLY A 272 0.18 -12.96 -27.64
N CYS A 273 -0.47 -13.00 -26.48
CA CYS A 273 -0.17 -12.10 -25.37
C CYS A 273 -0.03 -12.88 -24.07
N ASN A 274 1.04 -13.67 -23.97
CA ASN A 274 1.31 -14.40 -22.75
C ASN A 274 2.79 -14.39 -22.40
N GLY A 275 3.57 -13.50 -23.00
CA GLY A 275 4.98 -13.42 -22.68
C GLY A 275 5.23 -12.40 -21.59
N THR A 276 6.30 -11.64 -21.73
CA THR A 276 6.66 -10.63 -20.75
C THR A 276 5.99 -9.33 -21.12
N ILE A 277 5.33 -8.70 -20.14
CA ILE A 277 4.78 -7.36 -20.33
C ILE A 277 5.86 -6.38 -19.89
N THR A 278 6.21 -5.43 -20.76
CA THR A 278 7.22 -4.44 -20.42
C THR A 278 6.55 -3.08 -20.31
N LEU A 279 6.45 -2.56 -19.08
CA LEU A 279 5.86 -1.25 -18.87
C LEU A 279 6.92 -0.19 -19.04
N PRO A 280 6.67 0.86 -19.84
CA PRO A 280 7.61 1.98 -19.89
C PRO A 280 7.48 2.86 -18.64
N CYS A 281 8.62 3.25 -18.11
CA CYS A 281 8.73 4.07 -16.90
C CYS A 281 9.69 5.22 -17.13
N LYS A 282 9.52 6.27 -16.34
CA LYS A 282 10.48 7.35 -16.24
C LYS A 282 10.77 7.57 -14.76
N ILE A 283 12.03 7.86 -14.44
CA ILE A 283 12.39 8.38 -13.13
C ILE A 283 12.18 9.88 -13.15
N LYS A 284 11.37 10.42 -12.23
CA LYS A 284 11.09 11.85 -12.18
C LYS A 284 11.78 12.50 -11.00
N GLN A 285 12.40 13.65 -11.25
CA GLN A 285 13.04 14.44 -10.19
C GLN A 285 12.06 15.36 -9.49
N ILE A 286 11.03 15.80 -10.21
CA ILE A 286 10.05 16.73 -9.67
C ILE A 286 8.75 15.97 -9.44
N ILE A 287 8.31 15.90 -8.18
CA ILE A 287 7.15 15.08 -7.84
C ILE A 287 6.14 15.93 -7.07
N ASN A 288 4.88 15.51 -7.13
CA ASN A 288 3.84 16.01 -6.25
C ASN A 288 3.79 15.09 -5.05
N MET A 289 4.09 15.62 -3.87
CA MET A 289 4.24 14.79 -2.69
C MET A 289 2.90 14.19 -2.25
N TRP A 290 2.95 12.92 -1.80
CA TRP A 290 1.73 12.26 -1.34
C TRP A 290 1.27 12.78 0.02
N GLN A 291 2.14 13.46 0.76
CA GLN A 291 1.74 14.17 1.97
C GLN A 291 0.82 15.36 1.67
N GLY A 292 0.53 15.64 0.39
CA GLY A 292 -0.33 16.73 0.01
C GLY A 292 0.28 18.09 0.14
N THR A 293 1.59 18.16 0.36
CA THR A 293 2.25 19.40 0.71
C THR A 293 2.73 20.21 -0.49
N GLY A 294 2.62 19.69 -1.71
CA GLY A 294 3.08 20.40 -2.89
C GLY A 294 4.19 19.64 -3.60
N GLN A 295 5.14 20.39 -4.15
CA GLN A 295 6.11 19.82 -5.07
C GLN A 295 7.49 19.74 -4.45
N ALA A 296 8.25 18.75 -4.89
CA ALA A 296 9.62 18.60 -4.43
C ALA A 296 10.50 18.28 -5.62
N MET A 297 11.74 18.72 -5.57
CA MET A 297 12.72 18.38 -6.59
C MET A 297 13.89 17.66 -5.96
N TYR A 298 14.30 16.57 -6.58
CA TYR A 298 15.40 15.75 -6.10
C TYR A 298 16.50 15.74 -7.15
N ALA A 299 17.62 15.11 -6.81
CA ALA A 299 18.76 15.05 -7.72
C ALA A 299 18.56 14.01 -8.81
N PRO A 300 19.35 14.09 -9.89
CA PRO A 300 19.27 13.08 -10.96
C PRO A 300 19.70 11.72 -10.46
N PRO A 301 19.26 10.64 -11.11
CA PRO A 301 19.47 9.30 -10.56
C PRO A 301 20.94 8.93 -10.47
N ILE A 302 21.22 7.98 -9.57
CA ILE A 302 22.55 7.44 -9.39
C ILE A 302 23.00 6.73 -10.67
N ASP A 303 24.31 6.59 -10.81
CA ASP A 303 24.84 5.87 -11.96
C ASP A 303 24.60 4.38 -11.81
N GLY A 304 24.62 3.69 -12.94
CA GLY A 304 24.55 2.25 -12.91
C GLY A 304 23.13 1.72 -12.90
N LYS A 305 23.04 0.40 -12.80
CA LYS A 305 21.78 -0.31 -12.88
C LYS A 305 20.98 -0.08 -11.61
N ILE A 306 19.78 0.47 -11.75
CA ILE A 306 18.87 0.70 -10.63
C ILE A 306 17.72 -0.32 -10.77
N ASN A 307 17.61 -1.22 -9.79
CA ASN A 307 16.69 -2.36 -9.89
C ASN A 307 15.94 -2.59 -8.58
N CYS A 308 14.64 -2.86 -8.70
CA CYS A 308 13.79 -3.32 -7.60
C CYS A 308 12.89 -4.44 -8.12
N VAL A 309 12.95 -5.62 -7.51
CA VAL A 309 11.95 -6.66 -7.75
C VAL A 309 10.96 -6.61 -6.60
N SER A 310 9.68 -6.44 -6.92
CA SER A 310 8.64 -6.33 -5.92
C SER A 310 7.55 -7.35 -6.19
N ASN A 311 6.78 -7.69 -5.15
CA ASN A 311 5.58 -8.50 -5.30
C ASN A 311 4.38 -7.59 -5.40
N ILE A 312 3.56 -7.77 -6.43
CA ILE A 312 2.23 -7.16 -6.43
C ILE A 312 1.34 -8.03 -5.54
N THR A 313 0.84 -7.47 -4.45
CA THR A 313 -0.04 -8.20 -3.55
C THR A 313 -1.43 -7.60 -3.45
N GLY A 314 -1.68 -6.45 -4.08
CA GLY A 314 -2.99 -5.82 -4.04
C GLY A 314 -3.16 -4.84 -5.17
N ILE A 315 -4.42 -4.44 -5.41
CA ILE A 315 -4.74 -3.46 -6.44
C ILE A 315 -5.69 -2.43 -5.86
N LEU A 316 -5.46 -1.17 -6.20
CA LEU A 316 -6.32 -0.07 -5.79
C LEU A 316 -7.17 0.33 -6.98
N LEU A 317 -8.49 0.27 -6.84
CA LEU A 317 -9.39 0.52 -7.96
C LEU A 317 -10.44 1.57 -7.59
N THR A 318 -10.87 2.32 -8.61
CA THR A 318 -12.02 3.21 -8.51
C THR A 318 -13.00 2.83 -9.61
N ARG A 319 -14.28 2.69 -9.25
CA ARG A 319 -15.33 2.33 -10.19
C ARG A 319 -15.98 3.59 -10.76
N ASP A 320 -16.18 3.61 -12.09
CA ASP A 320 -16.85 4.73 -12.75
C ASP A 320 -18.28 4.90 -12.23
N GLY A 321 -18.68 6.15 -11.99
CA GLY A 321 -20.08 6.44 -11.74
C GLY A 321 -20.90 6.44 -13.03
N GLY A 322 -22.22 6.56 -12.88
CA GLY A 322 -23.10 6.74 -14.02
C GLY A 322 -23.36 5.51 -14.87
N ALA A 323 -23.01 4.32 -14.40
CA ALA A 323 -23.26 3.10 -15.14
C ALA A 323 -24.46 2.32 -14.59
N ASN A 324 -25.30 2.99 -13.80
CA ASN A 324 -26.37 2.33 -13.07
C ASN A 324 -27.35 1.64 -13.99
N ASN A 325 -27.69 2.28 -15.11
CA ASN A 325 -28.66 1.78 -16.07
C ASN A 325 -28.01 1.04 -17.23
N THR A 326 -26.71 0.80 -17.17
CA THR A 326 -25.97 0.12 -18.22
C THR A 326 -25.68 -1.33 -17.83
N SER A 327 -25.11 -2.05 -18.78
CA SER A 327 -24.79 -3.46 -18.64
C SER A 327 -23.40 -3.71 -18.06
N ASN A 328 -22.62 -2.66 -17.83
CA ASN A 328 -21.22 -2.81 -17.51
C ASN A 328 -20.85 -2.08 -16.23
N GLU A 329 -19.72 -2.48 -15.65
CA GLU A 329 -19.01 -1.71 -14.62
C GLU A 329 -17.56 -1.63 -15.05
N THR A 330 -16.98 -0.43 -14.99
CA THR A 330 -15.59 -0.30 -15.42
C THR A 330 -14.75 0.25 -14.29
N PHE A 331 -13.57 -0.34 -14.13
CA PHE A 331 -12.70 -0.07 -13.00
C PHE A 331 -11.39 0.48 -13.52
N ARG A 332 -10.85 1.46 -12.80
CA ARG A 332 -9.62 2.13 -13.17
C ARG A 332 -8.64 2.07 -12.02
N PRO A 333 -7.35 1.90 -12.29
CA PRO A 333 -6.36 1.92 -11.21
C PRO A 333 -6.42 3.26 -10.48
N GLY A 334 -6.31 3.20 -9.17
CA GLY A 334 -6.43 4.39 -8.36
C GLY A 334 -5.27 4.54 -7.40
N GLY A 335 -5.54 5.20 -6.30
CA GLY A 335 -4.56 5.43 -5.26
C GLY A 335 -4.35 6.92 -5.03
N GLY A 336 -3.33 7.22 -4.22
CA GLY A 336 -2.95 8.58 -3.91
C GLY A 336 -3.15 8.93 -2.45
N ASP A 337 -4.15 8.35 -1.79
CA ASP A 337 -4.32 8.45 -0.34
C ASP A 337 -3.59 7.27 0.28
N MET A 338 -2.38 7.51 0.80
CA MET A 338 -1.62 6.37 1.29
C MET A 338 -2.24 5.70 2.48
N ARG A 339 -3.28 6.30 3.09
CA ARG A 339 -3.97 5.60 4.17
C ARG A 339 -4.48 4.24 3.70
N ASP A 340 -4.91 4.16 2.44
CA ASP A 340 -5.41 2.90 1.88
C ASP A 340 -4.31 1.85 1.83
N ASN A 341 -3.07 2.25 1.51
CA ASN A 341 -1.94 1.34 1.61
C ASN A 341 -1.79 0.76 3.01
N TRP A 342 -1.86 1.62 4.05
CA TRP A 342 -1.71 1.08 5.40
C TRP A 342 -2.90 0.23 5.79
N ARG A 343 -4.10 0.67 5.40
CA ARG A 343 -5.33 -0.06 5.66
C ARG A 343 -5.29 -1.47 5.06
N SER A 344 -4.65 -1.63 3.90
CA SER A 344 -4.58 -2.95 3.27
C SER A 344 -3.85 -3.96 4.15
N GLU A 345 -3.09 -3.49 5.14
CA GLU A 345 -2.38 -4.39 6.04
C GLU A 345 -2.91 -4.34 7.46
N LEU A 346 -3.47 -3.22 7.89
CA LEU A 346 -4.00 -3.05 9.23
C LEU A 346 -5.45 -3.50 9.35
N TYR A 347 -6.05 -3.99 8.25
CA TYR A 347 -7.48 -4.26 8.22
C TYR A 347 -7.91 -5.28 9.27
N LYS A 348 -7.02 -6.20 9.64
CA LYS A 348 -7.42 -7.26 10.55
C LYS A 348 -7.15 -6.93 12.01
N TYR A 349 -6.75 -5.70 12.32
CA TYR A 349 -6.37 -5.32 13.68
C TYR A 349 -7.27 -4.21 14.19
N LYS A 350 -7.51 -4.20 15.51
CA LYS A 350 -8.13 -3.04 16.14
C LYS A 350 -7.71 -2.96 17.60
N VAL A 351 -7.65 -1.75 18.11
CA VAL A 351 -7.24 -1.48 19.49
C VAL A 351 -8.48 -1.54 20.39
N VAL A 352 -8.34 -2.19 21.53
CA VAL A 352 -9.39 -2.20 22.53
C VAL A 352 -8.78 -1.88 23.90
N GLN A 353 -9.60 -1.30 24.75
CA GLN A 353 -9.24 -0.93 26.10
C GLN A 353 -9.66 -2.04 27.04
N ILE A 354 -8.72 -2.58 27.80
CA ILE A 354 -9.02 -3.69 28.68
C ILE A 354 -9.83 -3.19 29.87
N GLU A 355 -10.95 -3.85 30.14
CA GLU A 355 -11.87 -3.44 31.21
C GLU A 355 -11.92 -4.47 32.32
#